data_9K0H
#
_entry.id   9K0H
#
_cell.length_a   41.066
_cell.length_b   67.273
_cell.length_c   85.446
_cell.angle_alpha   90.000
_cell.angle_beta   96.529
_cell.angle_gamma   90.000
#
_symmetry.space_group_name_H-M   'P 1 21 1'
#
loop_
_entity.id
_entity.type
_entity.pdbx_description
1 polymer 'Alpha/beta hydrolase'
2 non-polymer GLYCEROL
3 water water
#
_entity_poly.entity_id   1
_entity_poly.type   'polypeptide(L)'
_entity_poly.pdbx_seq_one_letter_code
;GGTNPGGGGGGSNPDTGTGFPGVSSFSADGSFATTSGSAGLSCTVFRPSTLGANGLKHPIIVWGNGTTASPSTYSGILEH
WASHGFVVIAANTSNAGTGQDMLNCVDYLTTQNNRSTGTYANKLDLNRIGAAGHSQGGGGTIMAGQDYRIKVTAPFQPYT
IGLGHNSSSQSNQNGPMFLMTGSADTIASPTLNALPVYNRANVPVFWGELSGASHFEPVGSAGDFRGPSTAWFRYHLMDD
ASAEDTFYGSNCDLCTDNDWDVRRKGIN
;
_entity_poly.pdbx_strand_id   A,B
#
loop_
_chem_comp.id
_chem_comp.type
_chem_comp.name
_chem_comp.formula
GOL non-polymer GLYCEROL 'C3 H8 O3'
#
# COMPACT_ATOMS: atom_id res chain seq x y z
N SER A 12 0.33 38.07 9.52
CA SER A 12 0.93 37.99 8.17
C SER A 12 1.75 36.69 8.05
N ASN A 13 1.25 35.77 7.21
CA ASN A 13 1.96 34.54 6.90
C ASN A 13 3.21 34.89 6.08
N PRO A 14 4.33 34.13 6.20
CA PRO A 14 5.50 34.40 5.37
C PRO A 14 5.19 34.23 3.89
N ASP A 15 5.74 35.11 3.07
CA ASP A 15 5.63 34.99 1.63
C ASP A 15 6.22 33.65 1.20
N THR A 16 5.82 33.15 0.01
CA THR A 16 6.47 31.96 -0.54
C THR A 16 7.85 32.38 -1.06
N GLY A 17 8.64 31.38 -1.42
CA GLY A 17 9.99 31.61 -1.93
C GLY A 17 10.00 32.33 -3.28
N THR A 18 8.94 32.12 -4.09
CA THR A 18 8.79 32.80 -5.37
C THR A 18 8.14 34.18 -5.23
N GLY A 19 7.78 34.60 -4.00
CA GLY A 19 7.34 35.96 -3.71
C GLY A 19 5.82 36.11 -3.58
N PHE A 20 5.09 34.99 -3.59
CA PHE A 20 3.64 35.05 -3.59
C PHE A 20 3.18 35.11 -2.14
N PRO A 21 1.95 35.62 -1.86
CA PRO A 21 1.43 35.65 -0.51
C PRO A 21 1.34 34.27 0.11
N GLY A 22 1.66 34.20 1.40
CA GLY A 22 1.39 33.01 2.22
C GLY A 22 -0.07 32.95 2.62
N VAL A 23 -0.51 31.77 3.08
CA VAL A 23 -1.90 31.51 3.40
C VAL A 23 -1.96 30.79 4.74
N SER A 24 -3.11 30.90 5.42
CA SER A 24 -3.35 30.23 6.70
C SER A 24 -4.03 28.87 6.50
N SER A 25 -4.54 28.58 5.31
CA SER A 25 -5.20 27.32 5.04
C SER A 25 -4.99 26.98 3.55
N PHE A 26 -4.60 25.73 3.26
CA PHE A 26 -4.51 25.28 1.88
C PHE A 26 -5.87 24.88 1.31
N SER A 27 -6.85 24.62 2.21
CA SER A 27 -8.18 24.14 1.88
C SER A 27 -9.16 25.29 1.61
N ALA A 28 -8.83 26.50 2.05
CA ALA A 28 -9.65 27.68 1.90
C ALA A 28 -9.12 28.56 0.75
N ASP A 29 -9.96 29.46 0.27
CA ASP A 29 -9.59 30.43 -0.73
C ASP A 29 -8.31 31.16 -0.32
N GLY A 30 -7.47 31.45 -1.32
CA GLY A 30 -6.38 32.41 -1.23
C GLY A 30 -6.86 33.85 -1.36
N SER A 31 -5.90 34.77 -1.52
CA SER A 31 -6.18 36.20 -1.41
C SER A 31 -6.63 36.83 -2.73
N PHE A 32 -6.56 36.09 -3.85
CA PHE A 32 -6.74 36.64 -5.18
C PHE A 32 -8.19 36.44 -5.64
N ALA A 33 -8.81 37.56 -6.02
CA ALA A 33 -10.08 37.55 -6.72
C ALA A 33 -9.84 36.83 -8.05
N THR A 34 -10.82 36.02 -8.49
CA THR A 34 -10.65 35.18 -9.66
C THR A 34 -11.70 35.49 -10.71
N THR A 35 -11.36 35.10 -11.94
CA THR A 35 -12.27 35.11 -13.05
C THR A 35 -12.01 33.85 -13.88
N SER A 36 -12.97 33.50 -14.72
CA SER A 36 -12.78 32.39 -15.63
C SER A 36 -13.35 32.74 -16.99
N GLY A 37 -12.99 31.93 -17.98
CA GLY A 37 -13.40 32.19 -19.35
C GLY A 37 -12.59 31.32 -20.32
N SER A 38 -12.86 31.54 -21.60
CA SER A 38 -12.20 30.81 -22.65
C SER A 38 -10.72 31.18 -22.66
N ALA A 39 -9.91 30.21 -23.05
CA ALA A 39 -8.51 30.42 -23.36
C ALA A 39 -8.26 29.81 -24.74
N GLY A 40 -8.74 30.54 -25.75
CA GLY A 40 -8.97 29.99 -27.08
C GLY A 40 -10.05 28.92 -27.07
N LEU A 41 -10.24 28.26 -28.21
CA LEU A 41 -11.34 27.35 -28.46
C LEU A 41 -11.16 26.01 -27.76
N SER A 42 -9.92 25.66 -27.35
CA SER A 42 -9.64 24.32 -26.84
C SER A 42 -9.46 24.28 -25.31
N CYS A 43 -9.46 25.44 -24.66
CA CYS A 43 -9.14 25.51 -23.24
C CYS A 43 -10.02 26.51 -22.50
N THR A 44 -10.11 26.31 -21.18
CA THR A 44 -10.80 27.19 -20.26
C THR A 44 -9.80 27.58 -19.17
N VAL A 45 -9.78 28.89 -18.83
CA VAL A 45 -8.88 29.38 -17.79
C VAL A 45 -9.69 29.77 -16.54
N PHE A 46 -9.12 29.45 -15.38
CA PHE A 46 -9.47 30.00 -14.08
C PHE A 46 -8.21 30.69 -13.55
N ARG A 47 -8.30 31.98 -13.21
CA ARG A 47 -7.11 32.76 -12.90
C ARG A 47 -7.41 33.95 -11.99
N PRO A 48 -6.40 34.53 -11.31
CA PRO A 48 -6.55 35.84 -10.69
C PRO A 48 -7.07 36.83 -11.72
N SER A 49 -8.01 37.65 -11.27
CA SER A 49 -8.58 38.75 -12.05
C SER A 49 -7.47 39.75 -12.41
N THR A 50 -6.54 39.97 -11.49
CA THR A 50 -5.39 40.82 -11.73
C THR A 50 -4.14 39.95 -11.79
N LEU A 51 -3.44 39.95 -12.91
CA LEU A 51 -2.18 39.27 -13.05
C LEU A 51 -1.04 40.27 -12.89
N GLY A 52 -0.01 39.86 -12.14
CA GLY A 52 1.31 40.47 -12.24
C GLY A 52 1.55 41.59 -11.24
N ALA A 53 0.73 41.64 -10.18
CA ALA A 53 0.97 42.57 -9.08
C ALA A 53 2.33 42.24 -8.45
N ASN A 54 3.02 43.31 -7.99
CA ASN A 54 4.33 43.18 -7.36
C ASN A 54 5.38 42.66 -8.33
N GLY A 55 5.13 42.81 -9.63
CA GLY A 55 6.02 42.35 -10.66
C GLY A 55 6.16 40.83 -10.71
N LEU A 56 5.24 40.10 -10.07
CA LEU A 56 5.31 38.65 -10.08
C LEU A 56 4.84 38.06 -11.41
N LYS A 57 5.35 36.87 -11.69
CA LYS A 57 4.93 36.03 -12.81
C LYS A 57 4.28 34.75 -12.23
N HIS A 58 3.10 34.45 -12.75
CA HIS A 58 2.25 33.44 -12.15
C HIS A 58 2.65 32.04 -12.60
N PRO A 59 2.72 31.10 -11.66
CA PRO A 59 2.81 29.69 -12.02
C PRO A 59 1.49 29.21 -12.63
N ILE A 60 1.56 28.03 -13.24
CA ILE A 60 0.48 27.48 -14.05
C ILE A 60 0.19 26.06 -13.58
N ILE A 61 -1.08 25.73 -13.46
CA ILE A 61 -1.50 24.34 -13.40
C ILE A 61 -2.34 24.04 -14.63
N VAL A 62 -1.96 22.97 -15.32
CA VAL A 62 -2.72 22.43 -16.46
C VAL A 62 -3.64 21.31 -15.99
N TRP A 63 -4.91 21.35 -16.40
CA TRP A 63 -5.89 20.38 -15.92
C TRP A 63 -6.50 19.53 -17.03
N GLY A 64 -6.67 18.22 -16.74
CA GLY A 64 -7.37 17.31 -17.61
C GLY A 64 -8.61 16.73 -16.92
N ASN A 65 -9.76 16.83 -17.59
CA ASN A 65 -11.03 16.39 -17.04
C ASN A 65 -11.12 14.86 -17.01
N GLY A 66 -11.99 14.37 -16.13
CA GLY A 66 -12.38 12.98 -16.16
C GLY A 66 -13.22 12.66 -17.41
N THR A 67 -13.39 11.37 -17.67
CA THR A 67 -14.21 10.92 -18.78
C THR A 67 -15.62 11.52 -18.63
N THR A 68 -16.15 12.02 -19.74
CA THR A 68 -17.48 12.58 -19.86
C THR A 68 -17.57 13.98 -19.27
N ALA A 69 -16.51 14.48 -18.61
CA ALA A 69 -16.63 15.72 -17.85
C ALA A 69 -16.14 16.91 -18.67
N SER A 70 -16.42 18.11 -18.15
CA SER A 70 -15.99 19.39 -18.71
C SER A 70 -15.23 20.18 -17.63
N PRO A 71 -14.55 21.32 -17.98
CA PRO A 71 -13.91 22.12 -16.95
C PRO A 71 -14.85 22.48 -15.82
N SER A 72 -16.10 22.75 -16.15
CA SER A 72 -17.05 23.22 -15.16
C SER A 72 -17.32 22.15 -14.09
N THR A 73 -17.17 20.87 -14.42
CA THR A 73 -17.32 19.81 -13.43
C THR A 73 -16.39 20.05 -12.23
N TYR A 74 -15.24 20.68 -12.47
CA TYR A 74 -14.20 20.86 -11.46
C TYR A 74 -14.00 22.33 -11.13
N SER A 75 -15.03 23.17 -11.34
CA SER A 75 -14.85 24.61 -11.27
C SER A 75 -14.42 25.02 -9.86
N GLY A 76 -14.88 24.29 -8.84
CA GLY A 76 -14.53 24.63 -7.47
C GLY A 76 -13.04 24.51 -7.22
N ILE A 77 -12.44 23.36 -7.58
CA ILE A 77 -11.02 23.15 -7.32
C ILE A 77 -10.22 24.10 -8.21
N LEU A 78 -10.64 24.28 -9.47
CA LEU A 78 -9.81 25.06 -10.37
C LEU A 78 -9.84 26.54 -9.95
N GLU A 79 -11.00 27.06 -9.53
CA GLU A 79 -11.09 28.43 -9.05
CA GLU A 79 -11.12 28.42 -9.04
C GLU A 79 -10.41 28.56 -7.69
N HIS A 80 -10.44 27.48 -6.88
CA HIS A 80 -9.68 27.47 -5.63
C HIS A 80 -8.19 27.72 -5.92
N TRP A 81 -7.59 26.95 -6.82
CA TRP A 81 -6.17 27.18 -7.11
C TRP A 81 -5.97 28.59 -7.65
N ALA A 82 -6.91 29.11 -8.47
CA ALA A 82 -6.74 30.44 -9.02
C ALA A 82 -6.66 31.47 -7.89
N SER A 83 -7.46 31.26 -6.84
CA SER A 83 -7.49 32.18 -5.71
C SER A 83 -6.18 32.21 -4.93
N HIS A 84 -5.35 31.16 -5.09
CA HIS A 84 -4.02 31.09 -4.48
C HIS A 84 -2.95 31.78 -5.35
N GLY A 85 -3.28 32.14 -6.59
CA GLY A 85 -2.35 32.84 -7.47
C GLY A 85 -1.99 32.07 -8.74
N PHE A 86 -2.47 30.82 -8.85
CA PHE A 86 -2.20 30.00 -10.01
C PHE A 86 -3.06 30.46 -11.18
N VAL A 87 -2.47 30.50 -12.37
CA VAL A 87 -3.24 30.53 -13.60
C VAL A 87 -3.49 29.08 -13.95
N VAL A 88 -4.77 28.69 -13.95
CA VAL A 88 -5.19 27.31 -14.09
C VAL A 88 -5.84 27.16 -15.45
N ILE A 89 -5.28 26.35 -16.33
CA ILE A 89 -5.84 26.15 -17.65
C ILE A 89 -6.28 24.69 -17.83
N ALA A 90 -7.56 24.52 -18.16
CA ALA A 90 -8.14 23.20 -18.36
C ALA A 90 -8.31 22.93 -19.85
N ALA A 91 -7.87 21.76 -20.31
CA ALA A 91 -8.31 21.30 -21.61
C ALA A 91 -9.83 21.12 -21.59
N ASN A 92 -10.48 21.54 -22.67
CA ASN A 92 -11.93 21.46 -22.77
C ASN A 92 -12.39 20.01 -22.95
N THR A 93 -11.56 19.16 -23.54
CA THR A 93 -11.98 17.84 -24.00
C THR A 93 -12.45 17.02 -22.82
N SER A 94 -13.40 16.13 -23.12
CA SER A 94 -13.83 15.14 -22.15
C SER A 94 -13.00 13.87 -22.28
N ASN A 95 -12.10 13.79 -23.28
CA ASN A 95 -11.20 12.65 -23.41
C ASN A 95 -9.73 13.11 -23.40
N ALA A 96 -9.17 13.33 -22.20
CA ALA A 96 -7.84 13.91 -22.05
C ALA A 96 -6.73 12.87 -21.93
N GLY A 97 -7.03 11.58 -22.20
CA GLY A 97 -6.13 10.47 -21.90
C GLY A 97 -4.75 10.54 -22.57
N THR A 98 -4.60 11.12 -23.78
CA THR A 98 -3.30 11.05 -24.43
C THR A 98 -2.33 12.11 -23.91
N GLY A 99 -2.84 13.04 -23.12
CA GLY A 99 -2.05 14.14 -22.61
C GLY A 99 -1.84 15.25 -23.66
N GLN A 100 -2.22 14.99 -24.91
CA GLN A 100 -1.94 15.97 -25.95
C GLN A 100 -2.70 17.28 -25.75
N ASP A 101 -4.02 17.19 -25.51
CA ASP A 101 -4.83 18.36 -25.29
C ASP A 101 -4.27 19.18 -24.11
N MET A 102 -3.75 18.51 -23.10
CA MET A 102 -3.23 19.21 -21.93
C MET A 102 -1.94 19.95 -22.28
N LEU A 103 -1.06 19.31 -23.04
CA LEU A 103 0.18 19.96 -23.45
C LEU A 103 -0.09 21.11 -24.41
N ASN A 104 -1.13 20.97 -25.26
CA ASN A 104 -1.57 22.09 -26.06
C ASN A 104 -1.87 23.31 -25.17
N CYS A 105 -2.39 23.10 -23.95
CA CYS A 105 -2.64 24.24 -23.07
C CYS A 105 -1.36 25.01 -22.76
N VAL A 106 -0.25 24.29 -22.59
CA VAL A 106 1.04 24.91 -22.31
C VAL A 106 1.46 25.72 -23.52
N ASP A 107 1.20 25.16 -24.71
CA ASP A 107 1.55 25.87 -25.93
C ASP A 107 0.74 27.17 -26.01
N TYR A 108 -0.53 27.09 -25.65
CA TYR A 108 -1.38 28.25 -25.74
C TYR A 108 -0.86 29.38 -24.84
N LEU A 109 -0.59 29.03 -23.58
CA LEU A 109 -0.10 30.00 -22.62
C LEU A 109 1.29 30.50 -22.98
N THR A 110 2.13 29.65 -23.60
CA THR A 110 3.45 30.07 -24.01
C THR A 110 3.30 31.17 -25.05
N THR A 111 2.51 30.92 -26.11
CA THR A 111 2.21 31.88 -27.15
C THR A 111 1.71 33.18 -26.51
N GLN A 112 0.75 33.06 -25.58
CA GLN A 112 0.07 34.22 -25.02
C GLN A 112 1.02 35.02 -24.12
N ASN A 113 1.92 34.35 -23.40
CA ASN A 113 2.95 35.00 -22.60
C ASN A 113 3.97 35.76 -23.45
N ASN A 114 4.28 35.24 -24.64
CA ASN A 114 5.33 35.77 -25.49
C ASN A 114 4.81 36.80 -26.48
N ARG A 115 3.54 37.19 -26.37
CA ARG A 115 2.96 38.26 -27.18
C ARG A 115 3.40 39.62 -26.63
N SER A 116 3.29 40.64 -27.47
CA SER A 116 3.63 41.99 -27.06
C SER A 116 2.59 42.51 -26.08
N THR A 117 1.30 42.22 -26.34
CA THR A 117 0.21 42.68 -25.50
C THR A 117 -0.81 41.55 -25.40
N GLY A 118 -1.68 41.62 -24.40
CA GLY A 118 -2.65 40.55 -24.14
C GLY A 118 -2.76 40.31 -22.65
N THR A 119 -3.79 39.56 -22.27
CA THR A 119 -4.08 39.22 -20.90
C THR A 119 -2.84 38.63 -20.23
N TYR A 120 -2.11 37.76 -20.95
CA TYR A 120 -1.04 36.97 -20.35
C TYR A 120 0.37 37.48 -20.71
N ALA A 121 0.45 38.59 -21.41
CA ALA A 121 1.73 39.05 -21.97
C ALA A 121 2.71 39.37 -20.83
N ASN A 122 3.78 38.58 -20.75
CA ASN A 122 4.81 38.72 -19.74
C ASN A 122 4.18 38.69 -18.34
N LYS A 123 3.19 37.81 -18.14
CA LYS A 123 2.57 37.66 -16.84
C LYS A 123 2.80 36.26 -16.29
N LEU A 124 3.34 35.33 -17.09
CA LEU A 124 3.37 33.92 -16.67
C LEU A 124 4.81 33.47 -16.38
N ASP A 125 4.94 32.58 -15.37
CA ASP A 125 6.17 31.86 -15.10
C ASP A 125 6.15 30.50 -15.78
N LEU A 126 6.67 30.45 -17.00
CA LEU A 126 6.69 29.23 -17.79
C LEU A 126 7.65 28.18 -17.23
N ASN A 127 8.49 28.53 -16.25
CA ASN A 127 9.39 27.60 -15.60
C ASN A 127 8.72 26.90 -14.42
N ARG A 128 7.47 27.28 -14.10
CA ARG A 128 6.74 26.72 -12.96
CA ARG A 128 6.74 26.73 -12.96
C ARG A 128 5.35 26.27 -13.42
N ILE A 129 5.35 25.18 -14.21
CA ILE A 129 4.15 24.56 -14.72
CA ILE A 129 4.14 24.57 -14.70
C ILE A 129 4.00 23.19 -14.06
N GLY A 130 2.81 22.92 -13.49
CA GLY A 130 2.43 21.59 -13.05
C GLY A 130 1.18 21.08 -13.80
N ALA A 131 0.91 19.78 -13.65
CA ALA A 131 -0.25 19.19 -14.27
C ALA A 131 -1.04 18.37 -13.28
N ALA A 132 -2.36 18.33 -13.48
CA ALA A 132 -3.29 17.61 -12.65
C ALA A 132 -4.51 17.25 -13.48
N GLY A 133 -5.20 16.20 -13.00
CA GLY A 133 -6.41 15.79 -13.68
C GLY A 133 -7.05 14.65 -12.91
N HIS A 134 -8.30 14.37 -13.29
CA HIS A 134 -9.09 13.31 -12.71
C HIS A 134 -9.33 12.19 -13.71
N SER A 135 -9.21 10.95 -13.23
CA SER A 135 -9.60 9.78 -14.00
C SER A 135 -8.79 9.66 -15.28
N GLN A 136 -9.47 9.62 -16.45
CA GLN A 136 -8.76 9.64 -17.73
C GLN A 136 -7.84 10.88 -17.80
N GLY A 137 -8.28 11.99 -17.22
CA GLY A 137 -7.46 13.20 -17.13
C GLY A 137 -6.26 13.02 -16.20
N GLY A 138 -6.35 12.10 -15.24
CA GLY A 138 -5.20 11.77 -14.42
C GLY A 138 -4.19 10.93 -15.20
N GLY A 139 -4.71 10.01 -16.02
CA GLY A 139 -3.89 9.27 -16.98
C GLY A 139 -3.20 10.25 -17.93
N GLY A 140 -3.97 11.23 -18.40
CA GLY A 140 -3.46 12.27 -19.28
C GLY A 140 -2.37 13.12 -18.62
N THR A 141 -2.47 13.28 -17.30
CA THR A 141 -1.52 14.02 -16.51
C THR A 141 -0.19 13.27 -16.53
N ILE A 142 -0.28 11.94 -16.40
CA ILE A 142 0.91 11.10 -16.41
C ILE A 142 1.51 11.11 -17.81
N MET A 143 0.67 11.06 -18.85
CA MET A 143 1.18 11.15 -20.23
C MET A 143 1.88 12.51 -20.46
N ALA A 144 1.21 13.59 -20.07
CA ALA A 144 1.75 14.94 -20.19
C ALA A 144 2.99 15.16 -19.32
N GLY A 145 3.03 14.49 -18.16
CA GLY A 145 4.08 14.64 -17.17
C GLY A 145 5.48 14.19 -17.62
N GLN A 146 5.56 13.54 -18.78
CA GLN A 146 6.79 13.20 -19.42
C GLN A 146 7.46 14.43 -20.02
N ASP A 147 6.70 15.48 -20.34
CA ASP A 147 7.22 16.66 -21.00
C ASP A 147 8.13 17.47 -20.09
N TYR A 148 9.21 18.01 -20.68
CA TYR A 148 10.26 18.69 -19.94
C TYR A 148 9.72 19.99 -19.31
N ARG A 149 8.56 20.49 -19.78
CA ARG A 149 7.99 21.71 -19.24
C ARG A 149 7.14 21.48 -17.98
N ILE A 150 6.77 20.23 -17.72
CA ILE A 150 5.94 19.89 -16.59
C ILE A 150 6.84 19.57 -15.40
N LYS A 151 6.80 20.44 -14.38
CA LYS A 151 7.72 20.34 -13.25
C LYS A 151 7.26 19.35 -12.19
N VAL A 152 5.94 19.20 -12.01
CA VAL A 152 5.39 18.27 -11.05
C VAL A 152 3.99 17.90 -11.54
N THR A 153 3.46 16.77 -11.03
CA THR A 153 2.13 16.30 -11.40
C THR A 153 1.34 15.98 -10.13
N ALA A 154 0.02 16.02 -10.28
CA ALA A 154 -0.89 15.58 -9.24
C ALA A 154 -2.04 14.83 -9.89
N PRO A 155 -1.90 13.55 -10.23
CA PRO A 155 -3.03 12.81 -10.77
C PRO A 155 -4.05 12.50 -9.69
N PHE A 156 -5.32 12.90 -9.91
CA PHE A 156 -6.40 12.53 -9.02
C PHE A 156 -7.09 11.26 -9.54
N GLN A 157 -6.89 10.13 -8.84
CA GLN A 157 -7.52 8.86 -9.19
C GLN A 157 -7.37 8.58 -10.67
N PRO A 158 -6.11 8.43 -11.15
CA PRO A 158 -5.86 8.23 -12.57
C PRO A 158 -6.44 6.92 -13.10
N TYR A 159 -6.93 6.96 -14.33
CA TYR A 159 -7.33 5.75 -15.05
C TYR A 159 -6.25 5.49 -16.08
N THR A 160 -5.50 4.38 -15.93
CA THR A 160 -4.37 4.10 -16.78
C THR A 160 -4.53 2.79 -17.56
N ILE A 161 -5.68 2.10 -17.47
CA ILE A 161 -5.78 0.78 -18.11
C ILE A 161 -6.51 0.90 -19.45
N GLY A 162 -6.77 2.11 -19.91
CA GLY A 162 -7.35 2.32 -21.23
C GLY A 162 -7.46 3.81 -21.53
N LEU A 163 -8.27 4.14 -22.53
CA LEU A 163 -8.64 5.52 -22.85
C LEU A 163 -7.39 6.37 -23.11
N GLY A 164 -6.49 5.81 -23.93
CA GLY A 164 -5.41 6.57 -24.52
C GLY A 164 -4.12 6.52 -23.71
N HIS A 165 -4.10 5.81 -22.58
CA HIS A 165 -2.91 5.73 -21.74
C HIS A 165 -1.86 4.83 -22.38
N ASN A 166 -0.59 5.22 -22.22
CA ASN A 166 0.55 4.37 -22.56
C ASN A 166 1.42 4.28 -21.32
N SER A 167 1.47 3.07 -20.73
CA SER A 167 2.14 2.85 -19.46
C SER A 167 3.65 3.12 -19.54
N SER A 168 4.21 3.17 -20.76
CA SER A 168 5.59 3.64 -20.95
C SER A 168 5.82 5.00 -20.28
N SER A 169 4.79 5.83 -20.24
CA SER A 169 4.92 7.16 -19.65
C SER A 169 5.30 7.11 -18.17
N GLN A 170 4.94 6.02 -17.49
CA GLN A 170 5.01 5.99 -16.03
C GLN A 170 6.45 5.96 -15.54
N SER A 171 7.37 5.52 -16.42
CA SER A 171 8.77 5.42 -16.05
C SER A 171 9.54 6.53 -16.76
N ASN A 172 8.81 7.52 -17.29
CA ASN A 172 9.41 8.59 -18.07
C ASN A 172 8.91 9.95 -17.61
N GLN A 173 8.60 10.08 -16.33
CA GLN A 173 8.11 11.34 -15.77
C GLN A 173 9.24 12.35 -15.70
N ASN A 174 8.89 13.62 -15.86
CA ASN A 174 9.87 14.68 -15.80
C ASN A 174 10.12 15.17 -14.37
N GLY A 175 9.10 15.15 -13.52
CA GLY A 175 9.23 15.66 -12.17
C GLY A 175 8.39 14.86 -11.17
N PRO A 176 8.46 15.25 -9.88
CA PRO A 176 7.77 14.55 -8.81
C PRO A 176 6.25 14.45 -8.98
N MET A 177 5.67 13.37 -8.45
CA MET A 177 4.24 13.12 -8.57
C MET A 177 3.58 13.03 -7.20
N PHE A 178 2.41 13.69 -7.08
CA PHE A 178 1.54 13.50 -5.93
C PHE A 178 0.37 12.65 -6.42
N LEU A 179 0.48 11.32 -6.24
CA LEU A 179 -0.56 10.38 -6.69
C LEU A 179 -1.66 10.28 -5.63
N MET A 180 -2.90 10.67 -6.01
CA MET A 180 -4.05 10.57 -5.11
C MET A 180 -5.00 9.48 -5.58
N THR A 181 -5.43 8.62 -4.65
CA THR A 181 -6.45 7.64 -4.92
C THR A 181 -7.46 7.65 -3.77
N GLY A 182 -8.62 7.04 -4.02
CA GLY A 182 -9.61 6.77 -3.00
C GLY A 182 -9.72 5.25 -2.77
N SER A 183 -9.82 4.82 -1.49
CA SER A 183 -9.84 3.38 -1.25
C SER A 183 -11.16 2.75 -1.68
N ALA A 184 -12.20 3.56 -1.85
CA ALA A 184 -13.50 3.03 -2.28
C ALA A 184 -13.76 3.39 -3.73
N ASP A 185 -12.69 3.69 -4.50
CA ASP A 185 -12.88 4.04 -5.90
C ASP A 185 -13.03 2.75 -6.71
N THR A 186 -14.22 2.56 -7.25
CA THR A 186 -14.55 1.35 -7.99
C THR A 186 -14.47 1.60 -9.49
N ILE A 187 -14.29 2.83 -9.93
CA ILE A 187 -14.23 3.15 -11.36
C ILE A 187 -12.78 3.10 -11.86
N ALA A 188 -11.89 3.80 -11.14
CA ALA A 188 -10.47 3.69 -11.37
C ALA A 188 -9.83 2.99 -10.19
N SER A 189 -10.04 1.68 -10.12
CA SER A 189 -9.58 0.86 -9.03
C SER A 189 -8.09 1.08 -8.83
N PRO A 190 -7.65 1.44 -7.60
CA PRO A 190 -6.26 1.81 -7.37
C PRO A 190 -5.28 0.67 -7.62
N THR A 191 -5.64 -0.57 -7.27
CA THR A 191 -4.80 -1.74 -7.56
C THR A 191 -4.48 -1.83 -9.06
N LEU A 192 -5.47 -1.62 -9.91
CA LEU A 192 -5.26 -1.77 -11.34
C LEU A 192 -4.68 -0.50 -11.95
N ASN A 193 -5.06 0.63 -11.40
CA ASN A 193 -4.78 1.90 -12.07
C ASN A 193 -3.64 2.69 -11.46
N ALA A 194 -3.43 2.62 -10.13
CA ALA A 194 -2.47 3.52 -9.50
C ALA A 194 -1.22 2.77 -9.03
N LEU A 195 -1.39 1.51 -8.58
CA LEU A 195 -0.28 0.73 -8.07
C LEU A 195 0.80 0.59 -9.12
N PRO A 196 0.48 0.32 -10.42
CA PRO A 196 1.51 0.23 -11.45
C PRO A 196 2.30 1.52 -11.65
N VAL A 197 1.57 2.65 -11.60
CA VAL A 197 2.16 3.96 -11.73
C VAL A 197 3.24 4.15 -10.66
N TYR A 198 2.86 3.89 -9.41
CA TYR A 198 3.74 4.03 -8.27
C TYR A 198 4.99 3.15 -8.46
N ASN A 199 4.78 1.89 -8.85
CA ASN A 199 5.87 0.93 -8.98
C ASN A 199 6.82 1.31 -10.11
N ARG A 200 6.32 1.88 -11.22
CA ARG A 200 7.16 2.12 -12.37
C ARG A 200 7.83 3.49 -12.34
N ALA A 201 7.42 4.37 -11.42
CA ALA A 201 7.80 5.76 -11.44
C ALA A 201 9.32 5.90 -11.29
N ASN A 202 9.85 6.82 -12.08
CA ASN A 202 11.29 7.09 -12.14
C ASN A 202 11.61 8.36 -11.34
N VAL A 203 10.57 8.96 -10.74
CA VAL A 203 10.69 10.23 -10.04
C VAL A 203 10.24 10.00 -8.60
N PRO A 204 10.48 10.95 -7.68
CA PRO A 204 9.84 10.92 -6.36
C PRO A 204 8.32 10.85 -6.48
N VAL A 205 7.68 9.94 -5.75
CA VAL A 205 6.23 9.80 -5.74
C VAL A 205 5.77 9.83 -4.29
N PHE A 206 4.82 10.72 -4.02
CA PHE A 206 4.04 10.69 -2.79
C PHE A 206 2.66 10.17 -3.15
N TRP A 207 2.33 8.97 -2.67
CA TRP A 207 1.02 8.37 -2.94
C TRP A 207 0.18 8.46 -1.67
N GLY A 208 -0.88 9.25 -1.71
CA GLY A 208 -1.88 9.28 -0.65
C GLY A 208 -3.18 8.68 -1.13
N GLU A 209 -3.61 7.63 -0.42
CA GLU A 209 -4.88 6.99 -0.65
C GLU A 209 -5.82 7.42 0.46
N LEU A 210 -6.83 8.19 0.08
CA LEU A 210 -7.83 8.70 1.00
C LEU A 210 -8.82 7.61 1.34
N SER A 211 -8.95 7.35 2.65
CA SER A 211 -9.72 6.22 3.14
C SER A 211 -11.23 6.44 2.93
N GLY A 212 -11.88 5.49 2.24
CA GLY A 212 -13.33 5.52 2.05
C GLY A 212 -13.75 6.43 0.90
N ALA A 213 -12.80 7.02 0.13
CA ALA A 213 -13.16 7.99 -0.88
C ALA A 213 -13.54 7.28 -2.16
N SER A 214 -14.63 7.79 -2.78
CA SER A 214 -15.11 7.26 -4.03
C SER A 214 -14.41 8.02 -5.16
N HIS A 215 -14.74 7.60 -6.38
CA HIS A 215 -14.29 8.23 -7.60
C HIS A 215 -14.83 9.64 -7.74
N PHE A 216 -15.86 10.03 -6.97
CA PHE A 216 -16.47 11.34 -7.18
C PHE A 216 -15.88 12.39 -6.25
N GLU A 217 -15.02 11.98 -5.30
CA GLU A 217 -14.47 12.95 -4.35
C GLU A 217 -13.79 14.11 -5.10
N PRO A 218 -13.03 13.91 -6.19
CA PRO A 218 -12.36 15.01 -6.89
C PRO A 218 -13.29 15.97 -7.60
N VAL A 219 -14.54 15.58 -7.81
CA VAL A 219 -15.48 16.42 -8.53
C VAL A 219 -15.76 17.70 -7.76
N GLY A 220 -16.06 18.77 -8.49
CA GLY A 220 -16.47 20.06 -7.95
C GLY A 220 -15.33 20.79 -7.25
N SER A 221 -15.36 20.78 -5.90
CA SER A 221 -14.34 21.41 -5.08
CA SER A 221 -14.35 21.40 -5.08
C SER A 221 -13.28 20.41 -4.61
N ALA A 222 -13.39 19.14 -5.03
CA ALA A 222 -12.41 18.09 -4.80
C ALA A 222 -12.30 17.60 -3.35
N GLY A 223 -13.19 18.06 -2.47
CA GLY A 223 -13.30 17.54 -1.11
C GLY A 223 -11.95 17.56 -0.37
N ASP A 224 -11.64 16.42 0.22
CA ASP A 224 -10.46 16.28 1.07
C ASP A 224 -9.15 16.30 0.25
N PHE A 225 -9.23 16.17 -1.07
CA PHE A 225 -8.04 16.27 -1.90
C PHE A 225 -7.66 17.73 -2.12
N ARG A 226 -8.57 18.67 -1.89
CA ARG A 226 -8.30 20.07 -2.21
C ARG A 226 -7.08 20.62 -1.47
N GLY A 227 -7.10 20.52 -0.13
CA GLY A 227 -6.03 21.13 0.66
C GLY A 227 -4.66 20.54 0.29
N PRO A 228 -4.52 19.21 0.32
CA PRO A 228 -3.23 18.58 0.00
C PRO A 228 -2.71 18.85 -1.42
N SER A 229 -3.60 18.87 -2.41
CA SER A 229 -3.15 19.13 -3.77
C SER A 229 -2.65 20.59 -3.88
N THR A 230 -3.28 21.49 -3.13
CA THR A 230 -2.88 22.90 -3.10
C THR A 230 -1.50 23.01 -2.44
N ALA A 231 -1.30 22.32 -1.31
CA ALA A 231 0.00 22.28 -0.66
C ALA A 231 1.10 21.83 -1.61
N TRP A 232 0.83 20.77 -2.39
CA TRP A 232 1.80 20.19 -3.30
C TRP A 232 2.24 21.22 -4.35
N PHE A 233 1.28 21.87 -4.98
CA PHE A 233 1.63 22.81 -6.03
C PHE A 233 2.24 24.08 -5.43
N ARG A 234 1.78 24.52 -4.26
CA ARG A 234 2.37 25.68 -3.60
C ARG A 234 3.80 25.38 -3.21
N TYR A 235 4.08 24.14 -2.73
CA TYR A 235 5.44 23.77 -2.40
C TYR A 235 6.36 23.81 -3.62
N HIS A 236 5.99 23.08 -4.68
CA HIS A 236 6.83 22.84 -5.83
C HIS A 236 6.80 24.02 -6.81
N LEU A 237 5.67 24.70 -6.94
CA LEU A 237 5.56 25.75 -7.95
C LEU A 237 5.73 27.14 -7.34
N MET A 238 5.60 27.26 -6.00
CA MET A 238 5.73 28.57 -5.37
C MET A 238 6.82 28.57 -4.30
N ASP A 239 7.48 27.42 -4.06
CA ASP A 239 8.49 27.32 -3.01
C ASP A 239 7.88 27.81 -1.70
N ASP A 240 6.63 27.38 -1.39
CA ASP A 240 6.01 27.68 -0.12
C ASP A 240 6.55 26.75 0.96
N ALA A 241 7.44 27.28 1.82
CA ALA A 241 8.04 26.50 2.88
C ALA A 241 6.99 25.85 3.77
N SER A 242 5.90 26.57 4.03
CA SER A 242 4.92 26.12 4.99
C SER A 242 4.22 24.84 4.51
N ALA A 243 4.37 24.50 3.22
CA ALA A 243 3.70 23.35 2.67
C ALA A 243 4.57 22.10 2.77
N GLU A 244 5.86 22.28 3.01
CA GLU A 244 6.80 21.15 3.01
C GLU A 244 6.39 20.04 3.98
N ASP A 245 5.96 20.44 5.19
CA ASP A 245 5.65 19.48 6.24
C ASP A 245 4.42 18.64 5.90
N THR A 246 3.65 18.95 4.84
CA THR A 246 2.51 18.11 4.47
C THR A 246 2.98 16.75 3.93
N PHE A 247 4.16 16.76 3.28
CA PHE A 247 4.64 15.65 2.47
C PHE A 247 5.99 15.09 2.95
N TYR A 248 6.84 15.97 3.48
CA TYR A 248 8.25 15.64 3.67
C TYR A 248 8.53 15.48 5.16
N GLY A 249 9.50 14.60 5.50
CA GLY A 249 9.85 14.27 6.87
C GLY A 249 9.13 13.01 7.35
N SER A 250 9.63 12.40 8.43
CA SER A 250 9.08 11.16 8.96
CA SER A 250 9.08 11.16 8.96
C SER A 250 7.64 11.34 9.46
N ASN A 251 7.33 12.49 10.06
CA ASN A 251 6.00 12.66 10.62
C ASN A 251 5.26 13.74 9.84
N CYS A 252 5.27 13.63 8.50
CA CYS A 252 4.58 14.56 7.62
C CYS A 252 3.08 14.49 7.97
N ASP A 253 2.33 15.55 7.64
CA ASP A 253 0.93 15.66 8.06
C ASP A 253 0.10 14.54 7.48
N LEU A 254 0.29 14.23 6.19
CA LEU A 254 -0.44 13.14 5.58
C LEU A 254 -0.08 11.81 6.21
N CYS A 255 1.22 11.65 6.52
CA CYS A 255 1.73 10.42 7.11
C CYS A 255 1.12 10.16 8.49
N THR A 256 0.79 11.19 9.26
CA THR A 256 0.29 10.97 10.62
C THR A 256 -1.24 11.00 10.67
N ASP A 257 -1.89 11.43 9.58
CA ASP A 257 -3.33 11.51 9.57
C ASP A 257 -3.95 10.17 9.14
N ASN A 258 -4.78 9.60 10.01
CA ASN A 258 -5.37 8.29 9.79
C ASN A 258 -6.41 8.27 8.68
N ASP A 259 -6.86 9.42 8.14
CA ASP A 259 -7.69 9.39 6.94
C ASP A 259 -6.91 8.93 5.71
N TRP A 260 -5.56 8.94 5.78
CA TRP A 260 -4.73 8.74 4.61
C TRP A 260 -3.86 7.50 4.78
N ASP A 261 -3.70 6.71 3.70
CA ASP A 261 -2.73 5.64 3.62
C ASP A 261 -1.63 6.09 2.68
N VAL A 262 -0.42 6.28 3.19
CA VAL A 262 0.66 6.92 2.45
C VAL A 262 1.71 5.90 2.08
N ARG A 263 2.15 5.95 0.83
CA ARG A 263 3.39 5.32 0.41
C ARG A 263 4.24 6.37 -0.27
N ARG A 264 5.55 6.35 -0.01
CA ARG A 264 6.44 7.35 -0.54
C ARG A 264 7.66 6.69 -1.14
N LYS A 265 8.04 7.14 -2.35
CA LYS A 265 9.18 6.61 -3.05
C LYS A 265 10.09 7.79 -3.42
N GLY A 266 11.34 7.74 -2.97
CA GLY A 266 12.26 8.85 -3.21
C GLY A 266 11.97 10.08 -2.35
N ILE A 267 11.16 9.91 -1.31
CA ILE A 267 10.78 10.97 -0.39
C ILE A 267 10.92 10.42 1.03
N ASN A 268 11.50 11.21 1.92
CA ASN A 268 11.58 10.87 3.34
C ASN A 268 11.09 12.05 4.19
N SER B 12 17.16 -34.23 -6.14
CA SER B 12 18.07 -33.96 -5.00
C SER B 12 18.22 -32.46 -4.75
N ASN B 13 17.89 -32.04 -3.52
CA ASN B 13 18.08 -30.68 -3.07
C ASN B 13 19.00 -30.67 -1.84
N PRO B 14 19.73 -29.56 -1.60
CA PRO B 14 20.51 -29.42 -0.38
C PRO B 14 19.62 -29.37 0.87
N ASP B 15 20.11 -29.92 1.98
CA ASP B 15 19.39 -29.87 3.25
C ASP B 15 19.25 -28.42 3.69
N THR B 16 18.28 -28.14 4.57
CA THR B 16 18.17 -26.83 5.20
C THR B 16 19.35 -26.70 6.17
N GLY B 17 19.57 -25.50 6.69
CA GLY B 17 20.60 -25.24 7.69
C GLY B 17 20.40 -26.05 8.97
N THR B 18 19.14 -26.37 9.34
CA THR B 18 18.86 -27.15 10.53
C THR B 18 18.89 -28.65 10.22
N GLY B 19 19.13 -29.06 8.96
CA GLY B 19 19.30 -30.46 8.65
C GLY B 19 18.06 -31.13 8.06
N PHE B 20 16.98 -30.38 7.84
CA PHE B 20 15.78 -30.97 7.28
C PHE B 20 15.99 -31.13 5.76
N PRO B 21 15.30 -32.09 5.12
CA PRO B 21 15.41 -32.24 3.68
C PRO B 21 15.00 -30.97 2.94
N GLY B 22 15.66 -30.74 1.78
CA GLY B 22 15.30 -29.64 0.90
C GLY B 22 14.20 -30.08 -0.05
N VAL B 23 13.53 -29.10 -0.66
CA VAL B 23 12.39 -29.38 -1.51
C VAL B 23 12.57 -28.56 -2.79
N SER B 24 11.88 -28.98 -3.85
CA SER B 24 11.89 -28.30 -5.15
C SER B 24 10.72 -27.32 -5.30
N SER B 25 9.76 -27.38 -4.36
CA SER B 25 8.54 -26.62 -4.44
C SER B 25 8.06 -26.33 -3.02
N PHE B 26 7.70 -25.09 -2.76
CA PHE B 26 7.16 -24.70 -1.46
C PHE B 26 5.64 -24.91 -1.43
N SER B 27 5.00 -25.05 -2.59
CA SER B 27 3.55 -25.19 -2.69
C SER B 27 3.09 -26.64 -2.78
N ALA B 28 4.00 -27.57 -3.02
CA ALA B 28 3.68 -29.00 -3.08
C ALA B 28 4.08 -29.68 -1.77
N ASP B 29 3.59 -30.91 -1.58
CA ASP B 29 3.88 -31.70 -0.42
C ASP B 29 5.39 -31.87 -0.29
N GLY B 30 5.86 -31.92 0.98
CA GLY B 30 7.20 -32.34 1.31
C GLY B 30 7.28 -33.86 1.37
N SER B 31 8.37 -34.37 1.94
CA SER B 31 8.68 -35.79 1.88
C SER B 31 8.07 -36.59 3.03
N PHE B 32 7.48 -35.93 4.04
CA PHE B 32 7.06 -36.65 5.22
C PHE B 32 5.62 -37.11 5.04
N ALA B 33 5.41 -38.42 5.15
CA ALA B 33 4.08 -38.95 5.39
C ALA B 33 3.56 -38.33 6.69
N THR B 34 2.27 -37.98 6.71
CA THR B 34 1.70 -37.21 7.80
C THR B 34 0.54 -37.97 8.44
N THR B 35 0.22 -37.55 9.66
CA THR B 35 -0.97 -37.98 10.36
C THR B 35 -1.52 -36.79 11.14
N SER B 36 -2.73 -36.96 11.70
CA SER B 36 -3.35 -35.90 12.45
C SER B 36 -4.18 -36.53 13.55
N GLY B 37 -4.45 -35.76 14.60
CA GLY B 37 -5.28 -36.25 15.70
C GLY B 37 -5.19 -35.28 16.87
N SER B 38 -5.79 -35.69 17.97
CA SER B 38 -5.84 -34.86 19.15
C SER B 38 -4.44 -34.61 19.70
N ALA B 39 -4.24 -33.41 20.26
CA ALA B 39 -3.12 -33.10 21.11
C ALA B 39 -3.69 -32.53 22.41
N GLY B 40 -4.23 -33.45 23.20
CA GLY B 40 -5.01 -33.10 24.38
C GLY B 40 -6.36 -32.58 23.91
N LEU B 41 -7.20 -32.14 24.83
CA LEU B 41 -8.57 -31.79 24.50
C LEU B 41 -8.66 -30.44 23.79
N SER B 42 -7.60 -29.63 23.86
CA SER B 42 -7.70 -28.23 23.43
C SER B 42 -7.03 -28.02 22.07
N CYS B 43 -6.37 -29.05 21.53
CA CYS B 43 -5.51 -28.86 20.36
C CYS B 43 -5.64 -30.03 19.39
N THR B 44 -5.39 -29.76 18.10
CA THR B 44 -5.28 -30.79 17.07
C THR B 44 -3.91 -30.65 16.42
N VAL B 45 -3.26 -31.78 16.17
CA VAL B 45 -1.95 -31.79 15.57
C VAL B 45 -2.03 -32.40 14.18
N PHE B 46 -1.27 -31.80 13.28
CA PHE B 46 -0.90 -32.38 12.01
C PHE B 46 0.62 -32.45 11.99
N ARG B 47 1.18 -33.61 11.69
CA ARG B 47 2.60 -33.84 11.93
C ARG B 47 3.11 -34.98 11.08
N PRO B 48 4.43 -35.06 10.84
CA PRO B 48 5.02 -36.26 10.27
C PRO B 48 4.60 -37.47 11.08
N SER B 49 4.18 -38.54 10.39
CA SER B 49 3.83 -39.80 11.04
C SER B 49 5.00 -40.33 11.89
N THR B 50 6.24 -40.12 11.42
CA THR B 50 7.45 -40.49 12.16
C THR B 50 8.18 -39.21 12.58
N LEU B 51 8.37 -39.04 13.89
CA LEU B 51 9.11 -37.89 14.41
C LEU B 51 10.53 -38.32 14.77
N GLY B 52 11.50 -37.48 14.41
CA GLY B 52 12.85 -37.57 14.97
C GLY B 52 13.80 -38.49 14.19
N ALA B 53 13.48 -38.82 12.95
CA ALA B 53 14.44 -39.61 12.17
C ALA B 53 15.67 -38.75 11.91
N ASN B 54 16.84 -39.39 11.81
CA ASN B 54 18.13 -38.74 11.57
C ASN B 54 18.44 -37.78 12.70
N GLY B 55 17.91 -38.07 13.91
CA GLY B 55 18.15 -37.27 15.11
C GLY B 55 17.62 -35.84 15.03
N LEU B 56 16.73 -35.55 14.07
CA LEU B 56 16.21 -34.21 13.90
C LEU B 56 15.20 -33.90 15.01
N LYS B 57 15.18 -32.64 15.42
CA LYS B 57 14.13 -32.11 16.27
C LYS B 57 13.24 -31.20 15.41
N HIS B 58 11.92 -31.39 15.50
CA HIS B 58 11.02 -30.74 14.58
C HIS B 58 10.70 -29.34 15.03
N PRO B 59 10.74 -28.36 14.11
CA PRO B 59 10.17 -27.05 14.38
C PRO B 59 8.64 -27.15 14.43
N ILE B 60 8.02 -26.11 14.99
CA ILE B 60 6.59 -26.08 15.29
C ILE B 60 5.95 -24.85 14.65
N ILE B 61 4.76 -25.04 14.10
CA ILE B 61 3.88 -23.92 13.79
C ILE B 61 2.60 -24.09 14.60
N VAL B 62 2.27 -23.05 15.37
CA VAL B 62 1.01 -22.99 16.08
C VAL B 62 -0.01 -22.24 15.22
N TRP B 63 -1.25 -22.75 15.18
CA TRP B 63 -2.29 -22.25 14.29
C TRP B 63 -3.55 -21.82 15.06
N GLY B 64 -4.06 -20.64 14.66
CA GLY B 64 -5.36 -20.14 15.09
C GLY B 64 -6.38 -20.08 13.95
N ASN B 65 -7.55 -20.67 14.20
CA ASN B 65 -8.63 -20.75 13.24
C ASN B 65 -9.30 -19.39 13.02
N GLY B 66 -9.97 -19.25 11.86
CA GLY B 66 -10.88 -18.14 11.64
C GLY B 66 -12.15 -18.26 12.49
N THR B 67 -12.90 -17.16 12.60
CA THR B 67 -14.15 -17.16 13.35
C THR B 67 -15.08 -18.24 12.81
N THR B 68 -15.62 -19.09 13.71
CA THR B 68 -16.56 -20.18 13.43
C THR B 68 -15.88 -21.40 12.82
N ALA B 69 -14.56 -21.36 12.63
CA ALA B 69 -13.87 -22.44 11.94
C ALA B 69 -13.24 -23.42 12.96
N SER B 70 -12.89 -24.59 12.44
CA SER B 70 -12.22 -25.64 13.20
C SER B 70 -10.89 -25.98 12.52
N PRO B 71 -9.99 -26.73 13.18
CA PRO B 71 -8.75 -27.13 12.54
C PRO B 71 -8.95 -27.77 11.16
N SER B 72 -10.01 -28.56 11.01
CA SER B 72 -10.30 -29.27 9.78
C SER B 72 -10.64 -28.31 8.63
N THR B 73 -11.12 -27.11 8.95
CA THR B 73 -11.34 -26.07 7.94
C THR B 73 -10.06 -25.73 7.20
N TYR B 74 -8.91 -25.95 7.84
CA TYR B 74 -7.61 -25.63 7.25
C TYR B 74 -6.75 -26.87 7.13
N SER B 75 -7.36 -28.06 7.02
CA SER B 75 -6.56 -29.28 7.08
C SER B 75 -5.54 -29.35 5.93
N GLY B 76 -5.87 -28.78 4.77
CA GLY B 76 -4.99 -28.83 3.62
C GLY B 76 -3.67 -28.13 3.91
N ILE B 77 -3.75 -26.87 4.38
CA ILE B 77 -2.53 -26.10 4.64
C ILE B 77 -1.78 -26.73 5.83
N LEU B 78 -2.51 -27.16 6.87
CA LEU B 78 -1.83 -27.67 8.06
C LEU B 78 -1.14 -29.01 7.77
N GLU B 79 -1.78 -29.89 6.95
CA GLU B 79 -1.14 -31.14 6.56
C GLU B 79 0.02 -30.87 5.59
N HIS B 80 -0.13 -29.87 4.72
CA HIS B 80 0.95 -29.49 3.81
C HIS B 80 2.18 -29.14 4.63
N TRP B 81 2.04 -28.28 5.65
CA TRP B 81 3.19 -27.88 6.44
C TRP B 81 3.79 -29.10 7.16
N ALA B 82 2.93 -29.99 7.65
CA ALA B 82 3.37 -31.24 8.29
C ALA B 82 4.26 -32.07 7.36
N SER B 83 3.91 -32.11 6.08
CA SER B 83 4.62 -32.89 5.07
C SER B 83 6.00 -32.34 4.80
N HIS B 84 6.24 -31.07 5.16
CA HIS B 84 7.55 -30.44 5.03
C HIS B 84 8.43 -30.70 6.24
N GLY B 85 7.81 -31.21 7.33
CA GLY B 85 8.53 -31.66 8.52
C GLY B 85 8.11 -30.92 9.79
N PHE B 86 7.20 -29.95 9.67
CA PHE B 86 6.73 -29.20 10.82
C PHE B 86 5.72 -30.00 11.65
N VAL B 87 5.82 -29.86 12.97
CA VAL B 87 4.75 -30.27 13.87
C VAL B 87 3.83 -29.07 14.02
N VAL B 88 2.60 -29.25 13.54
CA VAL B 88 1.63 -28.18 13.39
C VAL B 88 0.52 -28.41 14.41
N ILE B 89 0.39 -27.47 15.33
CA ILE B 89 -0.57 -27.65 16.39
C ILE B 89 -1.58 -26.51 16.29
N ALA B 90 -2.82 -26.90 16.10
CA ALA B 90 -3.93 -25.96 15.96
C ALA B 90 -4.71 -25.90 17.26
N ALA B 91 -4.94 -24.70 17.78
CA ALA B 91 -5.92 -24.49 18.83
C ALA B 91 -7.29 -24.86 18.28
N ASN B 92 -7.99 -25.69 19.07
CA ASN B 92 -9.30 -26.17 18.69
C ASN B 92 -10.29 -25.01 18.56
N THR B 93 -10.13 -23.95 19.37
CA THR B 93 -11.19 -22.96 19.53
C THR B 93 -11.52 -22.32 18.18
N SER B 94 -12.81 -21.96 18.04
CA SER B 94 -13.30 -21.17 16.93
C SER B 94 -13.08 -19.67 17.18
N ASN B 95 -12.66 -19.30 18.40
CA ASN B 95 -12.43 -17.90 18.77
C ASN B 95 -11.03 -17.73 19.35
N ALA B 96 -10.04 -17.63 18.47
CA ALA B 96 -8.64 -17.61 18.86
C ALA B 96 -8.09 -16.20 19.10
N GLY B 97 -8.96 -15.19 19.17
CA GLY B 97 -8.54 -13.78 19.09
C GLY B 97 -7.55 -13.32 20.16
N THR B 98 -7.62 -13.87 21.40
CA THR B 98 -6.79 -13.35 22.46
C THR B 98 -5.36 -13.89 22.36
N GLY B 99 -5.16 -14.97 21.58
CA GLY B 99 -3.89 -15.63 21.47
C GLY B 99 -3.64 -16.69 22.56
N GLN B 100 -4.46 -16.67 23.61
CA GLN B 100 -4.19 -17.51 24.76
C GLN B 100 -4.22 -19.00 24.40
N ASP B 101 -5.25 -19.44 23.68
CA ASP B 101 -5.38 -20.84 23.30
C ASP B 101 -4.19 -21.25 22.42
N MET B 102 -3.74 -20.35 21.55
CA MET B 102 -2.57 -20.64 20.73
C MET B 102 -1.30 -20.81 21.60
N LEU B 103 -1.04 -19.93 22.58
CA LEU B 103 0.14 -20.07 23.44
C LEU B 103 0.03 -21.33 24.31
N ASN B 104 -1.19 -21.64 24.72
CA ASN B 104 -1.48 -22.91 25.38
C ASN B 104 -0.99 -24.08 24.53
N CYS B 105 -1.09 -24.04 23.19
CA CYS B 105 -0.53 -25.11 22.39
C CYS B 105 0.98 -25.26 22.66
N VAL B 106 1.69 -24.15 22.81
CA VAL B 106 3.13 -24.17 23.07
C VAL B 106 3.39 -24.86 24.41
N ASP B 107 2.57 -24.53 25.41
CA ASP B 107 2.71 -25.13 26.72
C ASP B 107 2.50 -26.64 26.60
N TYR B 108 1.50 -27.04 25.80
CA TYR B 108 1.17 -28.45 25.65
C TYR B 108 2.38 -29.20 25.08
N LEU B 109 2.97 -28.67 24.03
CA LEU B 109 4.10 -29.36 23.40
C LEU B 109 5.36 -29.28 24.26
N THR B 110 5.53 -28.20 25.03
CA THR B 110 6.69 -28.10 25.90
C THR B 110 6.66 -29.23 26.93
N THR B 111 5.51 -29.41 27.58
CA THR B 111 5.32 -30.48 28.55
C THR B 111 5.58 -31.84 27.87
N GLN B 112 4.98 -32.07 26.72
CA GLN B 112 5.12 -33.35 26.03
C GLN B 112 6.56 -33.62 25.61
N ASN B 113 7.30 -32.57 25.21
CA ASN B 113 8.67 -32.70 24.75
C ASN B 113 9.60 -33.08 25.90
N ASN B 114 9.24 -32.65 27.10
CA ASN B 114 10.07 -32.87 28.26
C ASN B 114 9.88 -34.28 28.83
N ARG B 115 8.79 -34.96 28.46
CA ARG B 115 8.56 -36.32 28.95
C ARG B 115 9.64 -37.27 28.43
N SER B 116 9.82 -38.36 29.16
CA SER B 116 10.75 -39.42 28.79
C SER B 116 10.13 -40.33 27.73
N THR B 117 8.80 -40.51 27.80
CA THR B 117 8.13 -41.28 26.76
C THR B 117 6.92 -40.51 26.27
N GLY B 118 6.45 -40.96 25.12
CA GLY B 118 5.27 -40.41 24.48
C GLY B 118 5.65 -39.90 23.08
N THR B 119 4.62 -39.49 22.35
CA THR B 119 4.76 -39.15 20.95
C THR B 119 5.83 -38.09 20.71
N TYR B 120 5.91 -37.08 21.60
CA TYR B 120 6.71 -35.89 21.35
C TYR B 120 8.00 -35.88 22.17
N ALA B 121 8.23 -36.91 22.99
CA ALA B 121 9.31 -36.94 23.95
C ALA B 121 10.62 -36.63 23.27
N ASN B 122 11.19 -35.44 23.57
CA ASN B 122 12.43 -34.96 22.98
C ASN B 122 12.41 -35.07 21.44
N LYS B 123 11.28 -34.76 20.81
CA LYS B 123 11.23 -34.77 19.37
C LYS B 123 11.14 -33.37 18.79
N LEU B 124 11.05 -32.36 19.65
CA LEU B 124 10.66 -31.02 19.19
C LEU B 124 11.81 -30.05 19.39
N ASP B 125 11.88 -29.06 18.49
CA ASP B 125 12.82 -27.97 18.59
C ASP B 125 12.05 -26.74 19.08
N LEU B 126 12.08 -26.56 20.41
CA LEU B 126 11.29 -25.52 21.05
C LEU B 126 11.92 -24.16 20.80
N ASN B 127 13.08 -24.13 20.15
CA ASN B 127 13.73 -22.87 19.80
C ASN B 127 13.28 -22.38 18.42
N ARG B 128 12.46 -23.19 17.72
CA ARG B 128 12.02 -22.82 16.36
CA ARG B 128 12.02 -22.87 16.36
C ARG B 128 10.51 -22.99 16.25
N ILE B 129 9.80 -22.03 16.89
CA ILE B 129 8.35 -22.00 16.93
CA ILE B 129 8.35 -22.02 16.89
C ILE B 129 7.88 -20.76 16.20
N GLY B 130 6.95 -20.94 15.26
CA GLY B 130 6.26 -19.82 14.63
C GLY B 130 4.75 -19.93 14.83
N ALA B 131 4.03 -18.84 14.56
CA ALA B 131 2.59 -18.82 14.70
C ALA B 131 1.98 -18.26 13.43
N ALA B 132 0.78 -18.78 13.13
CA ALA B 132 0.01 -18.40 11.96
C ALA B 132 -1.48 -18.59 12.27
N GLY B 133 -2.32 -17.92 11.48
CA GLY B 133 -3.76 -18.02 11.69
C GLY B 133 -4.56 -17.16 10.71
N HIS B 134 -5.84 -17.49 10.58
CA HIS B 134 -6.72 -16.80 9.65
C HIS B 134 -7.72 -15.93 10.40
N SER B 135 -7.92 -14.68 9.96
CA SER B 135 -9.03 -13.85 10.45
C SER B 135 -8.81 -13.55 11.93
N GLN B 136 -9.79 -13.89 12.79
CA GLN B 136 -9.58 -13.76 14.24
C GLN B 136 -8.30 -14.50 14.67
N GLY B 137 -8.06 -15.68 14.07
CA GLY B 137 -6.86 -16.45 14.32
C GLY B 137 -5.59 -15.72 13.90
N GLY B 138 -5.69 -14.88 12.87
CA GLY B 138 -4.61 -13.98 12.50
C GLY B 138 -4.43 -12.86 13.53
N GLY B 139 -5.53 -12.32 14.05
CA GLY B 139 -5.43 -11.39 15.17
C GLY B 139 -4.80 -12.08 16.37
N GLY B 140 -5.19 -13.33 16.63
CA GLY B 140 -4.63 -14.08 17.75
C GLY B 140 -3.14 -14.41 17.56
N THR B 141 -2.72 -14.63 16.29
CA THR B 141 -1.32 -14.77 15.94
C THR B 141 -0.55 -13.53 16.38
N ILE B 142 -1.12 -12.35 16.14
CA ILE B 142 -0.43 -11.12 16.47
C ILE B 142 -0.33 -11.01 17.99
N MET B 143 -1.44 -11.34 18.67
CA MET B 143 -1.45 -11.36 20.12
C MET B 143 -0.37 -12.31 20.66
N ALA B 144 -0.36 -13.55 20.16
CA ALA B 144 0.60 -14.57 20.56
C ALA B 144 2.02 -14.17 20.21
N GLY B 145 2.20 -13.39 19.13
CA GLY B 145 3.52 -13.07 18.60
C GLY B 145 4.34 -12.16 19.51
N GLN B 146 3.71 -11.63 20.57
CA GLN B 146 4.40 -10.88 21.59
C GLN B 146 5.30 -11.77 22.43
N ASP B 147 4.95 -13.07 22.52
CA ASP B 147 5.67 -14.01 23.36
C ASP B 147 7.05 -14.30 22.79
N TYR B 148 8.03 -14.39 23.68
CA TYR B 148 9.41 -14.64 23.30
C TYR B 148 9.54 -15.99 22.59
N ARG B 149 8.62 -16.93 22.84
CA ARG B 149 8.74 -18.25 22.25
C ARG B 149 8.32 -18.30 20.77
N ILE B 150 7.68 -17.24 20.29
CA ILE B 150 7.24 -17.17 18.91
C ILE B 150 8.26 -16.37 18.14
N LYS B 151 9.00 -17.09 17.27
CA LYS B 151 10.15 -16.52 16.59
C LYS B 151 9.75 -15.67 15.41
N VAL B 152 8.68 -16.09 14.72
CA VAL B 152 8.10 -15.37 13.60
C VAL B 152 6.62 -15.68 13.52
N THR B 153 5.88 -14.78 12.87
CA THR B 153 4.44 -14.93 12.65
C THR B 153 4.12 -14.89 11.16
N ALA B 154 2.95 -15.42 10.83
CA ALA B 154 2.36 -15.31 9.51
C ALA B 154 0.85 -15.16 9.64
N PRO B 155 0.34 -13.97 9.97
CA PRO B 155 -1.11 -13.77 10.03
C PRO B 155 -1.69 -13.74 8.63
N PHE B 156 -2.64 -14.64 8.36
CA PHE B 156 -3.43 -14.68 7.15
C PHE B 156 -4.68 -13.82 7.32
N GLN B 157 -4.74 -12.68 6.63
CA GLN B 157 -5.93 -11.85 6.61
C GLN B 157 -6.42 -11.62 8.04
N PRO B 158 -5.57 -11.06 8.91
CA PRO B 158 -5.91 -10.91 10.33
C PRO B 158 -7.07 -9.93 10.55
N TYR B 159 -7.98 -10.28 11.48
CA TYR B 159 -9.05 -9.40 11.93
C TYR B 159 -8.61 -8.81 13.27
N THR B 160 -8.40 -7.49 13.32
CA THR B 160 -7.81 -6.83 14.46
C THR B 160 -8.70 -5.72 15.05
N ILE B 161 -9.93 -5.54 14.55
CA ILE B 161 -10.77 -4.46 15.06
C ILE B 161 -11.83 -5.02 16.02
N GLY B 162 -11.62 -6.23 16.54
CA GLY B 162 -12.52 -6.82 17.50
C GLY B 162 -12.11 -8.25 17.83
N LEU B 163 -13.09 -8.99 18.41
CA LEU B 163 -13.00 -10.41 18.71
C LEU B 163 -11.70 -10.73 19.45
N GLY B 164 -11.40 -9.89 20.45
CA GLY B 164 -10.42 -10.23 21.46
C GLY B 164 -9.07 -9.58 21.22
N HIS B 165 -8.94 -8.78 20.14
CA HIS B 165 -7.68 -8.18 19.78
C HIS B 165 -7.40 -6.99 20.69
N ASN B 166 -6.14 -6.84 21.08
CA ASN B 166 -5.64 -5.64 21.70
C ASN B 166 -4.54 -5.06 20.80
N SER B 167 -4.79 -3.87 20.22
CA SER B 167 -3.90 -3.32 19.20
C SER B 167 -2.52 -3.05 19.76
N SER B 168 -2.44 -2.89 21.08
CA SER B 168 -1.19 -2.75 21.80
C SER B 168 -0.17 -3.81 21.39
N SER B 169 -0.62 -5.04 21.11
CA SER B 169 0.26 -6.14 20.71
C SER B 169 1.08 -5.81 19.47
N GLN B 170 0.54 -4.94 18.61
CA GLN B 170 1.09 -4.74 17.27
C GLN B 170 2.48 -4.13 17.38
N SER B 171 2.73 -3.33 18.43
CA SER B 171 3.99 -2.66 18.60
C SER B 171 4.82 -3.40 19.65
N ASN B 172 4.46 -4.64 19.98
CA ASN B 172 5.13 -5.43 21.00
C ASN B 172 5.40 -6.86 20.50
N GLN B 173 5.71 -6.98 19.20
CA GLN B 173 6.03 -8.26 18.57
C GLN B 173 7.40 -8.70 19.01
N ASN B 174 7.61 -10.01 19.07
CA ASN B 174 8.90 -10.59 19.40
C ASN B 174 9.78 -10.71 18.15
N GLY B 175 9.17 -11.15 17.04
CA GLY B 175 9.96 -11.47 15.86
C GLY B 175 9.30 -11.00 14.57
N PRO B 176 9.99 -11.23 13.43
CA PRO B 176 9.47 -10.87 12.13
C PRO B 176 8.08 -11.42 11.76
N MET B 177 7.36 -10.60 10.99
CA MET B 177 6.00 -10.90 10.63
C MET B 177 5.83 -10.94 9.09
N PHE B 178 5.23 -12.05 8.60
CA PHE B 178 4.76 -12.13 7.23
C PHE B 178 3.25 -11.90 7.21
N LEU B 179 2.86 -10.65 6.89
CA LEU B 179 1.47 -10.23 6.90
C LEU B 179 0.89 -10.49 5.51
N MET B 180 -0.18 -11.30 5.45
CA MET B 180 -0.84 -11.63 4.19
C MET B 180 -2.25 -11.05 4.20
N THR B 181 -2.61 -10.34 3.14
CA THR B 181 -3.96 -9.87 2.93
C THR B 181 -4.40 -10.22 1.51
N GLY B 182 -5.70 -10.15 1.28
CA GLY B 182 -6.25 -10.18 -0.06
C GLY B 182 -6.87 -8.83 -0.38
N SER B 183 -6.76 -8.40 -1.64
CA SER B 183 -7.17 -7.06 -1.98
C SER B 183 -8.69 -6.99 -2.12
N ALA B 184 -9.34 -8.15 -2.28
CA ALA B 184 -10.79 -8.27 -2.38
C ALA B 184 -11.41 -8.77 -1.07
N ASP B 185 -10.66 -8.70 0.02
CA ASP B 185 -11.14 -9.18 1.31
C ASP B 185 -12.02 -8.12 1.95
N THR B 186 -13.33 -8.39 2.03
CA THR B 186 -14.31 -7.43 2.53
C THR B 186 -14.72 -7.79 3.96
N ILE B 187 -14.19 -8.89 4.51
CA ILE B 187 -14.53 -9.34 5.84
C ILE B 187 -13.47 -8.81 6.82
N ALA B 188 -12.21 -8.97 6.46
CA ALA B 188 -11.10 -8.39 7.20
C ALA B 188 -10.43 -7.34 6.32
N SER B 189 -11.19 -6.27 6.11
CA SER B 189 -10.71 -5.17 5.28
C SER B 189 -9.27 -4.86 5.62
N PRO B 190 -8.34 -4.99 4.66
CA PRO B 190 -6.94 -4.70 4.96
C PRO B 190 -6.67 -3.28 5.46
N THR B 191 -7.42 -2.29 4.95
CA THR B 191 -7.22 -0.90 5.35
C THR B 191 -7.47 -0.77 6.86
N LEU B 192 -8.51 -1.43 7.35
CA LEU B 192 -8.87 -1.30 8.75
C LEU B 192 -8.07 -2.27 9.61
N ASN B 193 -7.78 -3.47 9.08
CA ASN B 193 -7.35 -4.59 9.90
C ASN B 193 -5.85 -4.83 9.82
N ALA B 194 -5.22 -4.54 8.67
CA ALA B 194 -3.82 -4.92 8.45
C ALA B 194 -2.92 -3.69 8.35
N LEU B 195 -3.43 -2.63 7.73
CA LEU B 195 -2.63 -1.42 7.59
C LEU B 195 -2.12 -0.95 8.95
N PRO B 196 -2.97 -0.85 9.99
CA PRO B 196 -2.52 -0.42 11.32
C PRO B 196 -1.41 -1.28 11.93
N VAL B 197 -1.54 -2.60 11.71
CA VAL B 197 -0.58 -3.59 12.18
C VAL B 197 0.78 -3.26 11.61
N TYR B 198 0.82 -3.11 10.27
CA TYR B 198 2.02 -2.76 9.53
C TYR B 198 2.61 -1.45 10.04
N ASN B 199 1.75 -0.45 10.25
CA ASN B 199 2.22 0.86 10.70
C ASN B 199 2.82 0.81 12.10
N ARG B 200 2.20 0.05 13.03
CA ARG B 200 2.64 0.07 14.43
C ARG B 200 3.78 -0.90 14.70
N ALA B 201 4.04 -1.84 13.77
CA ALA B 201 4.91 -2.99 14.03
C ALA B 201 6.30 -2.51 14.41
N ASN B 202 6.88 -3.19 15.42
CA ASN B 202 8.16 -2.84 16.00
C ASN B 202 9.24 -3.78 15.50
N VAL B 203 8.83 -4.70 14.61
CA VAL B 203 9.71 -5.72 14.07
C VAL B 203 9.73 -5.57 12.55
N PRO B 204 10.60 -6.32 11.85
CA PRO B 204 10.47 -6.51 10.40
C PRO B 204 9.11 -7.05 9.99
N VAL B 205 8.50 -6.38 9.02
CA VAL B 205 7.24 -6.85 8.47
C VAL B 205 7.37 -6.91 6.96
N PHE B 206 7.00 -8.08 6.43
CA PHE B 206 6.81 -8.29 5.01
C PHE B 206 5.32 -8.40 4.80
N TRP B 207 4.75 -7.45 4.06
CA TRP B 207 3.32 -7.42 3.83
C TRP B 207 3.06 -7.73 2.36
N GLY B 208 2.59 -8.95 2.10
CA GLY B 208 2.13 -9.34 0.78
C GLY B 208 0.62 -9.28 0.69
N GLU B 209 0.12 -8.44 -0.23
CA GLU B 209 -1.29 -8.40 -0.54
C GLU B 209 -1.53 -9.07 -1.89
N LEU B 210 -2.35 -10.13 -1.86
CA LEU B 210 -2.55 -11.00 -2.99
C LEU B 210 -3.70 -10.42 -3.82
N SER B 211 -3.39 -10.02 -5.05
CA SER B 211 -4.35 -9.30 -5.88
C SER B 211 -5.58 -10.16 -6.14
N GLY B 212 -6.76 -9.60 -5.84
CA GLY B 212 -8.04 -10.23 -6.18
C GLY B 212 -8.48 -11.29 -5.16
N ALA B 213 -7.66 -11.57 -4.14
CA ALA B 213 -7.98 -12.64 -3.19
C ALA B 213 -9.08 -12.20 -2.22
N SER B 214 -10.05 -13.09 -2.04
CA SER B 214 -11.09 -12.91 -1.05
C SER B 214 -10.64 -13.46 0.29
N HIS B 215 -11.52 -13.38 1.28
CA HIS B 215 -11.23 -13.80 2.63
C HIS B 215 -11.28 -15.32 2.73
N PHE B 216 -11.73 -15.99 1.67
CA PHE B 216 -11.84 -17.44 1.73
CA PHE B 216 -11.88 -17.45 1.66
C PHE B 216 -10.62 -18.11 1.10
N GLU B 217 -9.68 -17.31 0.58
CA GLU B 217 -8.50 -17.86 -0.04
C GLU B 217 -7.71 -18.69 0.97
N PRO B 218 -7.51 -18.29 2.25
CA PRO B 218 -6.75 -19.09 3.20
C PRO B 218 -7.41 -20.39 3.63
N VAL B 219 -8.70 -20.56 3.35
CA VAL B 219 -9.39 -21.78 3.76
C VAL B 219 -8.85 -22.99 3.02
N GLY B 220 -8.92 -24.14 3.68
CA GLY B 220 -8.57 -25.40 3.02
C GLY B 220 -7.06 -25.55 2.87
N SER B 221 -6.57 -25.48 1.63
CA SER B 221 -5.15 -25.60 1.33
CA SER B 221 -5.16 -25.59 1.33
C SER B 221 -4.51 -24.22 1.17
N ALA B 222 -5.29 -23.15 1.36
CA ALA B 222 -4.82 -21.78 1.45
C ALA B 222 -4.33 -21.21 0.12
N GLY B 223 -4.70 -21.87 -0.99
CA GLY B 223 -4.48 -21.34 -2.34
C GLY B 223 -3.06 -20.79 -2.55
N ASP B 224 -2.99 -19.56 -3.07
CA ASP B 224 -1.73 -18.93 -3.42
C ASP B 224 -0.91 -18.49 -2.20
N PHE B 225 -1.53 -18.47 -1.00
CA PHE B 225 -0.77 -18.20 0.22
C PHE B 225 0.12 -19.40 0.61
N ARG B 226 -0.20 -20.61 0.14
CA ARG B 226 0.42 -21.81 0.66
C ARG B 226 1.95 -21.81 0.49
N GLY B 227 2.40 -21.58 -0.75
CA GLY B 227 3.82 -21.62 -1.02
C GLY B 227 4.60 -20.56 -0.25
N PRO B 228 4.24 -19.28 -0.33
CA PRO B 228 4.97 -18.24 0.38
C PRO B 228 5.01 -18.46 1.91
N SER B 229 3.88 -18.84 2.48
CA SER B 229 3.86 -19.07 3.92
C SER B 229 4.82 -20.21 4.28
N THR B 230 4.85 -21.24 3.43
CA THR B 230 5.77 -22.34 3.61
C THR B 230 7.20 -21.84 3.54
N ALA B 231 7.51 -20.99 2.53
CA ALA B 231 8.85 -20.46 2.39
C ALA B 231 9.27 -19.69 3.64
N TRP B 232 8.36 -18.88 4.16
CA TRP B 232 8.59 -18.06 5.34
C TRP B 232 9.00 -18.90 6.54
N PHE B 233 8.24 -19.96 6.83
CA PHE B 233 8.56 -20.78 8.00
C PHE B 233 9.80 -21.64 7.71
N ARG B 234 9.96 -22.13 6.47
CA ARG B 234 11.18 -22.87 6.13
C ARG B 234 12.41 -21.97 6.32
N TYR B 235 12.33 -20.72 5.86
CA TYR B 235 13.44 -19.81 6.01
C TYR B 235 13.77 -19.62 7.49
N HIS B 236 12.78 -19.19 8.29
CA HIS B 236 13.07 -18.75 9.65
C HIS B 236 13.13 -19.90 10.64
N LEU B 237 12.37 -21.00 10.39
CA LEU B 237 12.34 -22.11 11.32
C LEU B 237 13.25 -23.27 10.92
N MET B 238 13.68 -23.34 9.66
CA MET B 238 14.57 -24.41 9.24
C MET B 238 15.91 -23.88 8.67
N ASP B 239 16.10 -22.56 8.59
CA ASP B 239 17.27 -21.99 7.92
C ASP B 239 17.42 -22.56 6.51
N ASP B 240 16.32 -22.55 5.74
CA ASP B 240 16.32 -23.00 4.37
C ASP B 240 16.83 -21.85 3.50
N ALA B 241 18.11 -21.89 3.11
CA ALA B 241 18.69 -20.84 2.31
C ALA B 241 17.89 -20.60 1.02
N SER B 242 17.22 -21.63 0.49
CA SER B 242 16.57 -21.54 -0.82
C SER B 242 15.28 -20.74 -0.77
N ALA B 243 14.83 -20.43 0.45
CA ALA B 243 13.58 -19.73 0.65
C ALA B 243 13.84 -18.25 0.88
N GLU B 244 15.10 -17.86 1.06
CA GLU B 244 15.45 -16.49 1.38
C GLU B 244 14.98 -15.52 0.29
N ASP B 245 15.15 -15.91 -0.97
CA ASP B 245 14.93 -15.04 -2.12
C ASP B 245 13.45 -14.71 -2.30
N THR B 246 12.56 -15.47 -1.66
CA THR B 246 11.12 -15.20 -1.73
C THR B 246 10.83 -13.83 -1.11
N PHE B 247 11.58 -13.48 -0.06
CA PHE B 247 11.27 -12.32 0.75
C PHE B 247 12.37 -11.26 0.79
N TYR B 248 13.63 -11.68 0.73
CA TYR B 248 14.77 -10.80 1.03
C TYR B 248 15.47 -10.41 -0.26
N GLY B 249 16.26 -9.30 -0.18
CA GLY B 249 16.91 -8.67 -1.33
C GLY B 249 16.04 -7.62 -2.02
N SER B 250 16.66 -6.79 -2.87
CA SER B 250 16.03 -5.62 -3.47
C SER B 250 14.79 -6.00 -4.28
N ASN B 251 14.79 -7.16 -4.94
CA ASN B 251 13.71 -7.53 -5.85
C ASN B 251 13.41 -9.02 -5.68
N CYS B 252 12.91 -9.33 -4.48
CA CYS B 252 12.61 -10.69 -4.07
C CYS B 252 11.49 -11.21 -4.95
N ASP B 253 11.23 -12.52 -4.90
CA ASP B 253 10.29 -13.15 -5.80
C ASP B 253 8.89 -12.58 -5.64
N LEU B 254 8.48 -12.30 -4.39
CA LEU B 254 7.17 -11.74 -4.17
C LEU B 254 7.14 -10.31 -4.74
N CYS B 255 8.24 -9.58 -4.63
CA CYS B 255 8.28 -8.19 -5.06
C CYS B 255 8.11 -8.10 -6.58
N THR B 256 8.69 -9.07 -7.32
CA THR B 256 8.70 -9.00 -8.78
C THR B 256 7.43 -9.61 -9.37
N ASP B 257 6.68 -10.40 -8.58
CA ASP B 257 5.51 -11.08 -9.11
C ASP B 257 4.28 -10.16 -9.02
N ASN B 258 3.60 -10.01 -10.15
CA ASN B 258 2.51 -9.06 -10.31
C ASN B 258 1.23 -9.46 -9.59
N ASP B 259 1.11 -10.71 -9.17
CA ASP B 259 -0.02 -11.12 -8.36
C ASP B 259 0.07 -10.48 -6.97
N TRP B 260 1.24 -9.97 -6.58
CA TRP B 260 1.48 -9.52 -5.21
C TRP B 260 1.79 -8.03 -5.11
N ASP B 261 1.08 -7.35 -4.21
CA ASP B 261 1.40 -5.96 -3.84
C ASP B 261 2.20 -5.99 -2.55
N VAL B 262 3.51 -5.74 -2.61
CA VAL B 262 4.32 -5.85 -1.41
C VAL B 262 4.64 -4.49 -0.79
N ARG B 263 4.59 -4.45 0.56
CA ARG B 263 5.24 -3.41 1.34
C ARG B 263 6.17 -4.08 2.35
N ARG B 264 7.37 -3.55 2.49
CA ARG B 264 8.36 -4.10 3.39
C ARG B 264 8.86 -3.03 4.34
N LYS B 265 8.96 -3.37 5.63
CA LYS B 265 9.48 -2.50 6.67
C LYS B 265 10.56 -3.26 7.45
N GLY B 266 11.76 -2.71 7.53
CA GLY B 266 12.84 -3.36 8.23
C GLY B 266 13.37 -4.60 7.50
N ILE B 267 13.02 -4.74 6.21
CA ILE B 267 13.56 -5.78 5.33
C ILE B 267 14.14 -5.11 4.08
N ASN B 268 15.31 -5.60 3.64
CA ASN B 268 15.93 -5.15 2.39
C ASN B 268 16.24 -6.37 1.52
C1 GOL C . -13.83 18.76 3.85
O1 GOL C . -14.22 17.43 3.45
C2 GOL C . -13.55 19.64 2.66
O2 GOL C . -12.96 20.84 3.12
C3 GOL C . -14.80 19.90 1.83
O3 GOL C . -14.52 20.26 0.48
C1 GOL D . -3.44 -23.24 -4.96
O1 GOL D . -3.77 -24.40 -4.19
C2 GOL D . -2.56 -23.54 -6.16
O2 GOL D . -1.22 -23.83 -5.75
C3 GOL D . -2.51 -22.42 -7.18
O3 GOL D . -3.45 -21.37 -6.93
#